data_6HKF
#
_entry.id   6HKF
#
_cell.length_a   82.019
_cell.length_b   112.531
_cell.length_c   62.467
_cell.angle_alpha   90.000
_cell.angle_beta   90.000
_cell.angle_gamma   90.000
#
_symmetry.space_group_name_H-M   'C 2 2 21'
#
loop_
_entity.id
_entity.type
_entity.pdbx_description
1 polymer '14-3-3 protein sigma'
2 polymer 'Estrogen receptor'
3 non-polymer 'MAGNESIUM ION'
4 non-polymer (1~{S})-2,2-diphenyl-1-(2-sulfanylethylamino)propan-1-ol
5 water water
#
loop_
_entity_poly.entity_id
_entity_poly.type
_entity_poly.pdbx_seq_one_letter_code
_entity_poly.pdbx_strand_id
1 'polypeptide(L)'
;GAMGSMERASLIQKAKLAEQAERYEDMAAFMKGAVEKGEELSNEERCLLSVAYKNVVGGQRAAWRVLSSIEQKSNEEGSE
EKGPEVREYREKVETELQGVCDTVLGLLDSHLIKEAGDAESRVFYLKMKGDYYRYLAEVATGDDKKRIIDSARSAYQEAM
DISKKEMPPTNPIRLGLALNFSVFHYEIANSPEEAISLAKTTFDEAMADLHTLSEDSYKDSTLIMQLLRDNLTLWT
;
A
2 'polypeptide(L)' AEGFPA(TPO)V B
#
# COMPACT_ATOMS: atom_id res chain seq x y z
N GLY A 1 13.06 -5.09 -20.88
CA GLY A 1 11.78 -5.50 -20.34
C GLY A 1 10.89 -6.18 -21.37
N ALA A 2 10.17 -7.21 -20.93
CA ALA A 2 9.34 -7.99 -21.85
C ALA A 2 8.24 -7.15 -22.49
N MET A 3 7.85 -6.04 -21.87
CA MET A 3 6.79 -5.19 -22.40
C MET A 3 7.31 -4.04 -23.24
N GLY A 4 8.63 -3.97 -23.47
CA GLY A 4 9.19 -2.83 -24.18
C GLY A 4 8.69 -2.66 -25.60
N SER A 5 8.26 -3.75 -26.23
CA SER A 5 7.81 -3.69 -27.61
C SER A 5 6.32 -3.40 -27.75
N MET A 6 5.57 -3.30 -26.66
CA MET A 6 4.14 -3.04 -26.74
C MET A 6 3.85 -1.56 -26.52
N GLU A 7 2.89 -1.05 -27.30
CA GLU A 7 2.46 0.34 -27.18
C GLU A 7 1.96 0.65 -25.77
N ARG A 8 2.25 1.86 -25.31
CA ARG A 8 1.76 2.30 -23.99
C ARG A 8 0.25 2.16 -23.90
N ALA A 9 -0.47 2.60 -24.94
CA ALA A 9 -1.92 2.53 -24.90
C ALA A 9 -2.40 1.09 -24.85
N SER A 10 -1.71 0.19 -25.57
CA SER A 10 -2.09 -1.21 -25.55
C SER A 10 -1.84 -1.83 -24.18
N LEU A 11 -0.75 -1.45 -23.51
CA LEU A 11 -0.50 -1.92 -22.15
C LEU A 11 -1.59 -1.46 -21.19
N ILE A 12 -2.00 -0.19 -21.30
CA ILE A 12 -3.09 0.32 -20.47
C ILE A 12 -4.37 -0.44 -20.75
N GLN A 13 -4.68 -0.65 -22.04
CA GLN A 13 -5.88 -1.40 -22.40
C GLN A 13 -5.85 -2.81 -21.82
N LYS A 14 -4.71 -3.49 -21.92
CA LYS A 14 -4.63 -4.86 -21.42
C LYS A 14 -4.62 -4.91 -19.90
N ALA A 15 -4.08 -3.89 -19.24
CA ALA A 15 -4.20 -3.82 -17.78
C ALA A 15 -5.66 -3.81 -17.36
N LYS A 16 -6.50 -3.06 -18.08
CA LYS A 16 -7.93 -3.01 -17.75
C LYS A 16 -8.61 -4.35 -18.04
N LEU A 17 -8.20 -5.02 -19.12
CA LEU A 17 -8.73 -6.35 -19.41
C LEU A 17 -8.33 -7.34 -18.33
N ALA A 18 -7.07 -7.30 -17.90
CA ALA A 18 -6.61 -8.18 -16.84
C ALA A 18 -7.37 -7.94 -15.54
N GLU A 19 -7.65 -6.68 -15.22
CA GLU A 19 -8.46 -6.39 -14.02
C GLU A 19 -9.82 -7.04 -14.12
N GLN A 20 -10.48 -6.92 -15.29
CA GLN A 20 -11.78 -7.54 -15.48
C GLN A 20 -11.72 -9.05 -15.32
N ALA A 21 -10.61 -9.66 -15.73
CA ALA A 21 -10.41 -11.10 -15.61
C ALA A 21 -9.81 -11.52 -14.28
N GLU A 22 -9.56 -10.57 -13.38
CA GLU A 22 -8.95 -10.82 -12.08
C GLU A 22 -7.59 -11.50 -12.23
N ARG A 23 -6.84 -11.08 -13.24
CA ARG A 23 -5.48 -11.58 -13.48
C ARG A 23 -4.50 -10.50 -13.06
N TYR A 24 -4.29 -10.39 -11.75
CA TYR A 24 -3.59 -9.22 -11.21
C TYR A 24 -2.08 -9.27 -11.45
N GLU A 25 -1.51 -10.48 -11.54
CA GLU A 25 -0.10 -10.58 -11.94
C GLU A 25 0.11 -10.04 -13.34
N ASP A 26 -0.75 -10.43 -14.29
CA ASP A 26 -0.73 -9.83 -15.62
C ASP A 26 -0.93 -8.33 -15.55
N MET A 27 -1.92 -7.90 -14.77
CA MET A 27 -2.22 -6.48 -14.66
C MET A 27 -1.00 -5.69 -14.20
N ALA A 28 -0.27 -6.23 -13.21
CA ALA A 28 0.91 -5.54 -12.68
C ALA A 28 2.03 -5.50 -13.72
N ALA A 29 2.24 -6.61 -14.44
CA ALA A 29 3.26 -6.62 -15.48
C ALA A 29 2.95 -5.60 -16.57
N PHE A 30 1.68 -5.51 -16.97
CA PHE A 30 1.31 -4.52 -17.98
C PHE A 30 1.54 -3.11 -17.47
N MET A 31 1.15 -2.83 -16.22
CA MET A 31 1.34 -1.48 -15.69
C MET A 31 2.80 -1.18 -15.43
N LYS A 32 3.60 -2.17 -15.04
CA LYS A 32 5.04 -1.97 -14.97
C LYS A 32 5.59 -1.55 -16.34
N GLY A 33 5.15 -2.23 -17.41
CA GLY A 33 5.57 -1.84 -18.74
C GLY A 33 5.13 -0.43 -19.10
N ALA A 34 3.92 -0.04 -18.70
CA ALA A 34 3.44 1.31 -18.99
C ALA A 34 4.27 2.36 -18.27
N VAL A 35 4.57 2.14 -16.99
CA VAL A 35 5.39 3.09 -16.25
C VAL A 35 6.75 3.24 -16.91
N GLU A 36 7.34 2.14 -17.35
CA GLU A 36 8.69 2.17 -17.92
C GLU A 36 8.73 2.84 -19.29
N LYS A 37 7.59 3.19 -19.87
CA LYS A 37 7.59 4.03 -21.07
C LYS A 37 8.13 5.44 -20.76
N GLY A 38 8.15 5.84 -19.50
CA GLY A 38 8.79 7.09 -19.10
C GLY A 38 7.86 8.28 -19.01
N GLU A 39 6.62 8.17 -19.49
CA GLU A 39 5.67 9.26 -19.36
C GLU A 39 5.01 9.23 -17.99
N GLU A 40 4.57 10.40 -17.53
CA GLU A 40 3.83 10.47 -16.27
C GLU A 40 2.49 9.75 -16.41
N LEU A 41 1.93 9.34 -15.28
CA LEU A 41 0.67 8.62 -15.25
C LEU A 41 -0.50 9.56 -14.97
N SER A 42 -1.64 9.26 -15.58
CA SER A 42 -2.88 9.95 -15.29
C SER A 42 -3.46 9.45 -13.97
N ASN A 43 -4.53 10.10 -13.51
CA ASN A 43 -5.22 9.67 -12.30
C ASN A 43 -5.72 8.23 -12.43
N GLU A 44 -6.35 7.92 -13.56
CA GLU A 44 -6.86 6.56 -13.77
C GLU A 44 -5.73 5.55 -13.85
N GLU A 45 -4.63 5.92 -14.52
CA GLU A 45 -3.50 5.00 -14.64
C GLU A 45 -2.84 4.74 -13.30
N ARG A 46 -2.77 5.74 -12.43
CA ARG A 46 -2.26 5.52 -11.08
C ARG A 46 -3.11 4.48 -10.35
N CYS A 47 -4.43 4.53 -10.54
CA CYS A 47 -5.28 3.54 -9.89
C CYS A 47 -5.02 2.15 -10.46
N LEU A 48 -4.80 2.04 -11.77
CA LEU A 48 -4.48 0.73 -12.36
C LEU A 48 -3.20 0.17 -11.76
N LEU A 49 -2.18 1.01 -11.62
CA LEU A 49 -0.91 0.59 -11.03
C LEU A 49 -1.11 0.11 -9.60
N SER A 50 -1.79 0.92 -8.78
CA SER A 50 -1.93 0.58 -7.37
C SER A 50 -2.83 -0.64 -7.16
N VAL A 51 -3.91 -0.75 -7.92
CA VAL A 51 -4.81 -1.90 -7.77
C VAL A 51 -4.08 -3.19 -8.10
N ALA A 52 -3.32 -3.20 -9.20
CA ALA A 52 -2.62 -4.40 -9.62
C ALA A 52 -1.66 -4.90 -8.54
N TYR A 53 -0.77 -4.02 -8.08
CA TYR A 53 0.24 -4.47 -7.13
C TYR A 53 -0.34 -4.68 -5.74
N LYS A 54 -1.39 -3.95 -5.37
CA LYS A 54 -2.05 -4.20 -4.09
C LYS A 54 -2.61 -5.60 -4.03
N ASN A 55 -3.21 -6.07 -5.13
CA ASN A 55 -3.78 -7.41 -5.18
C ASN A 55 -2.68 -8.47 -5.21
N VAL A 56 -1.61 -8.24 -5.96
CA VAL A 56 -0.52 -9.22 -6.01
C VAL A 56 0.12 -9.38 -4.63
N VAL A 57 0.56 -8.27 -4.04
CA VAL A 57 1.24 -8.36 -2.75
C VAL A 57 0.26 -8.74 -1.64
N GLY A 58 -1.03 -8.38 -1.79
CA GLY A 58 -2.01 -8.80 -0.81
C GLY A 58 -2.13 -10.31 -0.72
N GLY A 59 -2.10 -10.98 -1.87
CA GLY A 59 -2.12 -12.44 -1.87
C GLY A 59 -0.85 -13.03 -1.28
N GLN A 60 0.30 -12.41 -1.55
CA GLN A 60 1.55 -12.90 -0.97
C GLN A 60 1.56 -12.73 0.54
N ARG A 61 1.07 -11.58 1.03
CA ARG A 61 1.02 -11.36 2.47
C ARG A 61 0.10 -12.37 3.15
N ALA A 62 -1.06 -12.64 2.55
CA ALA A 62 -1.97 -13.63 3.11
C ALA A 62 -1.30 -14.99 3.20
N ALA A 63 -0.61 -15.40 2.15
CA ALA A 63 0.09 -16.69 2.16
C ALA A 63 1.23 -16.69 3.17
N TRP A 64 2.00 -15.60 3.22
CA TRP A 64 3.09 -15.51 4.19
C TRP A 64 2.59 -15.65 5.62
N ARG A 65 1.43 -15.07 5.91
CA ARG A 65 0.90 -15.15 7.28
C ARG A 65 0.46 -16.58 7.61
N VAL A 66 -0.15 -17.27 6.65
CA VAL A 66 -0.49 -18.68 6.85
C VAL A 66 0.76 -19.48 7.17
N LEU A 67 1.81 -19.33 6.35
CA LEU A 67 3.02 -20.12 6.54
C LEU A 67 3.76 -19.72 7.81
N SER A 68 3.80 -18.42 8.11
CA SER A 68 4.45 -17.98 9.34
C SER A 68 3.75 -18.53 10.56
N SER A 69 2.42 -18.61 10.52
CA SER A 69 1.67 -19.19 11.63
C SER A 69 2.03 -20.67 11.82
N ILE A 70 2.06 -21.42 10.72
CA ILE A 70 2.45 -22.83 10.79
C ILE A 70 3.86 -22.96 11.35
N GLU A 71 4.77 -22.09 10.90
CA GLU A 71 6.17 -22.15 11.35
C GLU A 71 6.27 -21.90 12.84
N GLN A 72 5.55 -20.91 13.35
CA GLN A 72 5.59 -20.62 14.78
C GLN A 72 5.03 -21.77 15.60
N LYS A 73 3.99 -22.44 15.09
CA LYS A 73 3.44 -23.59 15.79
C LYS A 73 4.43 -24.75 15.81
N SER A 74 5.15 -24.96 14.71
CA SER A 74 6.14 -26.02 14.65
C SER A 74 7.31 -25.77 15.62
N ASN A 75 7.52 -24.54 16.03
CA ASN A 75 8.60 -24.19 16.95
C ASN A 75 8.13 -24.08 18.40
N GLU A 76 6.93 -24.57 18.69
CA GLU A 76 6.41 -24.55 20.06
C GLU A 76 6.91 -25.76 20.84
N GLU A 77 6.62 -25.77 22.14
CA GLU A 77 7.03 -26.86 23.01
C GLU A 77 6.14 -28.08 22.79
N GLY A 78 6.76 -29.23 22.57
CA GLY A 78 6.05 -30.46 22.33
C GLY A 78 5.72 -30.75 20.88
N SER A 79 6.12 -29.87 19.96
CA SER A 79 5.84 -30.09 18.55
C SER A 79 6.86 -31.03 17.94
N GLU A 80 6.40 -31.90 17.06
CA GLU A 80 7.29 -32.83 16.38
C GLU A 80 8.10 -32.09 15.31
N GLU A 81 9.39 -32.40 15.26
CA GLU A 81 10.26 -31.79 14.26
C GLU A 81 9.85 -32.27 12.86
N LYS A 82 9.56 -31.33 11.97
CA LYS A 82 9.15 -31.64 10.61
C LYS A 82 10.26 -31.42 9.59
N GLY A 83 11.41 -30.89 10.02
CA GLY A 83 12.48 -30.58 9.11
C GLY A 83 12.46 -29.13 8.67
N PRO A 84 13.28 -28.79 7.67
CA PRO A 84 13.41 -27.40 7.25
C PRO A 84 12.34 -26.92 6.29
N GLU A 85 11.38 -27.78 5.95
CA GLU A 85 10.49 -27.51 4.82
C GLU A 85 9.61 -26.29 5.07
N VAL A 86 9.06 -26.14 6.27
CA VAL A 86 8.17 -25.02 6.54
C VAL A 86 8.93 -23.71 6.44
N ARG A 87 10.11 -23.63 7.06
CA ARG A 87 10.94 -22.44 6.97
C ARG A 87 11.32 -22.15 5.52
N GLU A 88 11.72 -23.20 4.77
CA GLU A 88 12.13 -22.99 3.39
C GLU A 88 11.01 -22.38 2.57
N TYR A 89 9.80 -22.93 2.70
CA TYR A 89 8.70 -22.47 1.87
C TYR A 89 8.23 -21.08 2.29
N ARG A 90 8.19 -20.81 3.61
CA ARG A 90 7.92 -19.45 4.06
C ARG A 90 8.96 -18.49 3.50
N GLU A 91 10.24 -18.91 3.49
CA GLU A 91 11.29 -18.06 2.93
C GLU A 91 11.08 -17.83 1.44
N LYS A 92 10.64 -18.86 0.72
CA LYS A 92 10.38 -18.71 -0.71
C LYS A 92 9.31 -17.66 -0.98
N VAL A 93 8.18 -17.76 -0.27
CA VAL A 93 7.10 -16.79 -0.45
C VAL A 93 7.56 -15.40 0.01
N GLU A 94 8.27 -15.35 1.14
CA GLU A 94 8.81 -14.09 1.63
C GLU A 94 9.72 -13.43 0.59
N THR A 95 10.58 -14.22 -0.05
CA THR A 95 11.50 -13.66 -1.04
C THR A 95 10.74 -13.13 -2.25
N GLU A 96 9.70 -13.84 -2.69
CA GLU A 96 8.90 -13.35 -3.81
C GLU A 96 8.18 -12.07 -3.44
N LEU A 97 7.63 -12.00 -2.22
CA LEU A 97 7.00 -10.78 -1.74
C LEU A 97 7.97 -9.61 -1.75
N GLN A 98 9.17 -9.81 -1.18
CA GLN A 98 10.16 -8.74 -1.16
C GLN A 98 10.54 -8.31 -2.57
N GLY A 99 10.58 -9.26 -3.51
CA GLY A 99 10.88 -8.90 -4.89
C GLY A 99 9.83 -7.99 -5.49
N VAL A 100 8.55 -8.26 -5.20
CA VAL A 100 7.49 -7.39 -5.70
C VAL A 100 7.59 -6.00 -5.08
N CYS A 101 7.82 -5.94 -3.76
CA CYS A 101 7.97 -4.65 -3.11
C CYS A 101 9.15 -3.87 -3.67
N ASP A 102 10.27 -4.54 -3.91
CA ASP A 102 11.43 -3.87 -4.49
C ASP A 102 11.10 -3.36 -5.89
N THR A 103 10.30 -4.12 -6.64
CA THR A 103 9.92 -3.70 -7.99
C THR A 103 9.07 -2.43 -7.95
N VAL A 104 8.07 -2.40 -7.06
CA VAL A 104 7.22 -1.22 -6.94
C VAL A 104 8.03 -0.03 -6.47
N LEU A 105 8.85 -0.21 -5.43
CA LEU A 105 9.68 0.88 -4.95
C LEU A 105 10.63 1.36 -6.03
N GLY A 106 11.10 0.46 -6.89
CA GLY A 106 11.96 0.87 -7.99
C GLY A 106 11.24 1.74 -9.00
N LEU A 107 9.97 1.43 -9.29
CA LEU A 107 9.19 2.25 -10.20
C LEU A 107 8.94 3.63 -9.61
N LEU A 108 8.67 3.68 -8.30
CA LEU A 108 8.46 4.97 -7.64
C LEU A 108 9.73 5.80 -7.68
N ASP A 109 10.89 5.16 -7.47
CA ASP A 109 12.15 5.86 -7.42
C ASP A 109 12.71 6.18 -8.79
N SER A 110 12.28 5.47 -9.84
CA SER A 110 12.81 5.62 -11.20
C SER A 110 11.65 5.52 -12.19
N HIS A 111 10.91 6.62 -12.40
CA HIS A 111 11.17 7.93 -11.80
C HIS A 111 9.86 8.65 -11.47
N LEU A 112 8.89 7.88 -10.96
CA LEU A 112 7.54 8.41 -10.78
C LEU A 112 7.52 9.58 -9.81
N ILE A 113 8.15 9.42 -8.64
CA ILE A 113 8.03 10.44 -7.59
C ILE A 113 8.70 11.74 -8.02
N LYS A 114 9.90 11.66 -8.59
CA LYS A 114 10.64 12.89 -8.89
C LYS A 114 9.96 13.72 -9.98
N GLU A 115 9.14 13.10 -10.82
CA GLU A 115 8.43 13.86 -11.85
C GLU A 115 7.04 14.28 -11.41
N ALA A 116 6.56 13.85 -10.25
CA ALA A 116 5.20 14.14 -9.79
C ALA A 116 5.21 15.48 -9.06
N GLY A 117 4.63 16.50 -9.70
CA GLY A 117 4.63 17.84 -9.14
C GLY A 117 3.31 18.25 -8.51
N ASP A 118 2.21 17.74 -9.04
CA ASP A 118 0.91 18.05 -8.47
C ASP A 118 0.69 17.30 -7.16
N ALA A 119 -0.01 17.95 -6.23
CA ALA A 119 -0.19 17.37 -4.90
C ALA A 119 -0.83 15.99 -4.98
N GLU A 120 -1.86 15.82 -5.83
CA GLU A 120 -2.59 14.56 -5.88
C GLU A 120 -1.67 13.41 -6.28
N SER A 121 -0.86 13.60 -7.31
CA SER A 121 0.03 12.53 -7.78
C SER A 121 1.17 12.29 -6.80
N ARG A 122 1.76 13.38 -6.28
CA ARG A 122 2.90 13.21 -5.39
C ARG A 122 2.51 12.51 -4.09
N VAL A 123 1.37 12.91 -3.51
CA VAL A 123 0.89 12.24 -2.30
C VAL A 123 0.56 10.78 -2.59
N PHE A 124 -0.08 10.51 -3.74
CA PHE A 124 -0.41 9.14 -4.12
C PHE A 124 0.83 8.26 -4.16
N TYR A 125 1.89 8.73 -4.82
CA TYR A 125 3.10 7.92 -4.95
C TYR A 125 3.82 7.79 -3.62
N LEU A 126 3.87 8.85 -2.82
CA LEU A 126 4.53 8.76 -1.52
C LEU A 126 3.79 7.83 -0.57
N LYS A 127 2.45 7.84 -0.62
CA LYS A 127 1.68 6.85 0.12
C LYS A 127 2.07 5.43 -0.32
N MET A 128 2.16 5.20 -1.63
CA MET A 128 2.58 3.90 -2.12
C MET A 128 3.96 3.53 -1.58
N LYS A 129 4.89 4.49 -1.56
CA LYS A 129 6.22 4.23 -1.03
C LYS A 129 6.14 3.80 0.43
N GLY A 130 5.35 4.51 1.23
CA GLY A 130 5.15 4.08 2.61
C GLY A 130 4.54 2.70 2.70
N ASP A 131 3.55 2.42 1.84
CA ASP A 131 2.87 1.13 1.88
C ASP A 131 3.83 -0.02 1.63
N TYR A 132 4.69 0.10 0.61
CA TYR A 132 5.50 -1.06 0.24
C TYR A 132 6.73 -1.20 1.12
N TYR A 133 7.19 -0.12 1.75
CA TYR A 133 8.14 -0.28 2.84
C TYR A 133 7.47 -0.91 4.06
N ARG A 134 6.19 -0.60 4.28
CA ARG A 134 5.46 -1.26 5.37
C ARG A 134 5.36 -2.77 5.13
N TYR A 135 5.11 -3.18 3.89
CA TYR A 135 5.04 -4.61 3.61
C TYR A 135 6.39 -5.28 3.82
N LEU A 136 7.48 -4.59 3.44
CA LEU A 136 8.80 -5.10 3.76
C LEU A 136 9.03 -5.17 5.27
N ALA A 137 8.53 -4.18 6.00
CA ALA A 137 8.69 -4.17 7.45
C ALA A 137 7.96 -5.34 8.10
N GLU A 138 6.83 -5.77 7.51
CA GLU A 138 6.05 -6.85 8.10
C GLU A 138 6.85 -8.15 8.18
N VAL A 139 7.78 -8.37 7.25
CA VAL A 139 8.56 -9.60 7.21
C VAL A 139 10.01 -9.40 7.62
N ALA A 140 10.40 -8.19 7.99
CA ALA A 140 11.79 -7.90 8.28
C ALA A 140 12.19 -8.41 9.66
N THR A 141 13.41 -8.94 9.77
CA THR A 141 13.96 -9.39 11.04
C THR A 141 15.44 -9.06 11.22
N GLY A 142 16.11 -8.50 10.22
CA GLY A 142 17.56 -8.38 10.22
C GLY A 142 18.06 -7.01 10.67
N ASP A 143 19.32 -6.74 10.32
CA ASP A 143 19.99 -5.51 10.76
C ASP A 143 19.31 -4.25 10.23
N ASP A 144 18.59 -4.34 9.12
CA ASP A 144 18.01 -3.17 8.49
C ASP A 144 16.53 -3.00 8.80
N LYS A 145 15.98 -3.75 9.76
CA LYS A 145 14.55 -3.66 10.05
C LYS A 145 14.16 -2.27 10.51
N LYS A 146 14.95 -1.66 11.40
CA LYS A 146 14.61 -0.31 11.85
C LYS A 146 14.71 0.69 10.70
N ARG A 147 15.68 0.49 9.81
CA ARG A 147 15.80 1.39 8.66
C ARG A 147 14.64 1.21 7.69
N ILE A 148 14.12 -0.01 7.55
CA ILE A 148 12.94 -0.23 6.72
C ILE A 148 11.73 0.48 7.32
N ILE A 149 11.55 0.33 8.64
CA ILE A 149 10.44 0.99 9.32
C ILE A 149 10.53 2.50 9.16
N ASP A 150 11.74 3.06 9.31
CA ASP A 150 11.87 4.51 9.19
C ASP A 150 11.69 4.98 7.74
N SER A 151 12.04 4.14 6.77
CA SER A 151 11.76 4.49 5.38
C SER A 151 10.26 4.59 5.13
N ALA A 152 9.48 3.66 5.70
CA ALA A 152 8.03 3.76 5.62
C ALA A 152 7.54 5.03 6.29
N ARG A 153 8.00 5.29 7.51
CA ARG A 153 7.57 6.47 8.24
C ARG A 153 7.90 7.75 7.47
N SER A 154 9.12 7.83 6.92
CA SER A 154 9.53 9.04 6.22
C SER A 154 8.67 9.31 5.00
N ALA A 155 8.35 8.27 4.23
CA ALA A 155 7.50 8.44 3.05
C ALA A 155 6.10 8.87 3.44
N TYR A 156 5.50 8.16 4.40
CA TYR A 156 4.18 8.54 4.91
C TYR A 156 4.18 9.98 5.41
N GLN A 157 5.24 10.38 6.13
CA GLN A 157 5.26 11.70 6.74
C GLN A 157 5.34 12.80 5.69
N GLU A 158 6.17 12.62 4.66
CA GLU A 158 6.22 13.61 3.59
C GLU A 158 4.87 13.70 2.88
N ALA A 159 4.21 12.56 2.68
CA ALA A 159 2.88 12.59 2.05
C ALA A 159 1.86 13.30 2.92
N MET A 160 1.92 13.09 4.24
CA MET A 160 1.02 13.78 5.16
C MET A 160 1.24 15.29 5.10
N ASP A 161 2.49 15.72 5.13
CA ASP A 161 2.79 17.14 5.14
C ASP A 161 2.24 17.82 3.89
N ILE A 162 2.44 17.21 2.72
CA ILE A 162 1.91 17.78 1.48
C ILE A 162 0.39 17.78 1.50
N SER A 163 -0.22 16.67 1.94
CA SER A 163 -1.67 16.55 1.88
C SER A 163 -2.36 17.54 2.80
N LYS A 164 -1.75 17.85 3.95
CA LYS A 164 -2.36 18.81 4.86
C LYS A 164 -2.27 20.23 4.32
N LYS A 165 -1.24 20.53 3.53
CA LYS A 165 -1.08 21.86 2.95
C LYS A 165 -1.89 22.05 1.69
N GLU A 166 -2.05 21.00 0.88
CA GLU A 166 -2.52 21.15 -0.48
C GLU A 166 -3.85 20.49 -0.79
N MET A 167 -4.41 19.69 0.10
CA MET A 167 -5.65 19.00 -0.18
C MET A 167 -6.67 19.27 0.92
N PRO A 168 -7.95 19.29 0.58
CA PRO A 168 -8.99 19.43 1.61
C PRO A 168 -9.05 18.19 2.47
N PRO A 169 -9.55 18.30 3.70
CA PRO A 169 -9.56 17.15 4.61
C PRO A 169 -10.46 16.01 4.17
N THR A 170 -11.32 16.19 3.18
CA THR A 170 -12.16 15.12 2.65
C THR A 170 -11.56 14.45 1.42
N ASN A 171 -10.43 14.94 0.92
CA ASN A 171 -9.82 14.37 -0.26
CA ASN A 171 -9.82 14.37 -0.26
C ASN A 171 -9.56 12.88 -0.05
N PRO A 172 -10.04 12.01 -0.94
CA PRO A 172 -9.92 10.56 -0.70
C PRO A 172 -8.49 10.06 -0.66
N ILE A 173 -7.58 10.67 -1.42
CA ILE A 173 -6.18 10.27 -1.32
C ILE A 173 -5.62 10.65 0.05
N ARG A 174 -5.93 11.85 0.52
CA ARG A 174 -5.52 12.26 1.87
C ARG A 174 -6.10 11.33 2.93
N LEU A 175 -7.37 10.95 2.77
CA LEU A 175 -8.01 10.06 3.74
C LEU A 175 -7.40 8.67 3.72
N GLY A 176 -7.13 8.13 2.53
CA GLY A 176 -6.54 6.80 2.45
C GLY A 176 -5.12 6.78 2.96
N LEU A 177 -4.37 7.85 2.71
CA LEU A 177 -3.04 7.98 3.29
C LEU A 177 -3.09 7.94 4.81
N ALA A 178 -3.99 8.74 5.40
CA ALA A 178 -4.11 8.78 6.85
C ALA A 178 -4.53 7.43 7.40
N LEU A 179 -5.46 6.74 6.73
CA LEU A 179 -5.87 5.40 7.15
C LEU A 179 -4.67 4.46 7.23
N ASN A 180 -3.84 4.45 6.18
CA ASN A 180 -2.72 3.51 6.12
C ASN A 180 -1.60 3.90 7.08
N PHE A 181 -1.32 5.20 7.19
CA PHE A 181 -0.30 5.66 8.15
C PHE A 181 -0.72 5.32 9.58
N SER A 182 -2.03 5.43 9.86
CA SER A 182 -2.53 5.02 11.16
C SER A 182 -2.31 3.53 11.40
N VAL A 183 -2.55 2.70 10.37
CA VAL A 183 -2.29 1.27 10.51
C VAL A 183 -0.79 1.02 10.68
N PHE A 184 0.05 1.82 10.01
CA PHE A 184 1.49 1.72 10.22
C PHE A 184 1.84 1.95 11.69
N HIS A 185 1.29 3.01 12.29
CA HIS A 185 1.54 3.27 13.70
C HIS A 185 1.12 2.09 14.57
N TYR A 186 -0.05 1.52 14.29
CA TYR A 186 -0.60 0.48 15.15
C TYR A 186 0.17 -0.83 15.02
N GLU A 187 0.40 -1.26 13.78
CA GLU A 187 0.88 -2.62 13.53
C GLU A 187 2.39 -2.72 13.37
N ILE A 188 3.04 -1.64 12.95
CA ILE A 188 4.47 -1.66 12.62
C ILE A 188 5.30 -0.95 13.67
N ALA A 189 4.89 0.27 14.05
CA ALA A 189 5.68 1.14 14.91
C ALA A 189 5.36 0.99 16.38
N ASN A 190 4.44 0.10 16.75
CA ASN A 190 4.08 -0.14 18.15
C ASN A 190 3.63 1.15 18.84
N SER A 191 2.87 1.96 18.12
CA SER A 191 2.35 3.24 18.62
C SER A 191 0.83 3.25 18.46
N PRO A 192 0.11 2.42 19.21
CA PRO A 192 -1.35 2.40 19.05
C PRO A 192 -2.01 3.72 19.38
N GLU A 193 -1.47 4.49 20.34
CA GLU A 193 -2.10 5.77 20.67
C GLU A 193 -1.96 6.77 19.52
N GLU A 194 -0.82 6.80 18.86
CA GLU A 194 -0.68 7.65 17.67
C GLU A 194 -1.61 7.16 16.55
N ALA A 195 -1.77 5.84 16.42
CA ALA A 195 -2.68 5.29 15.43
C ALA A 195 -4.10 5.77 15.67
N ILE A 196 -4.56 5.68 16.92
CA ILE A 196 -5.92 6.07 17.26
C ILE A 196 -6.12 7.56 17.10
N SER A 197 -5.14 8.35 17.57
CA SER A 197 -5.24 9.81 17.46
C SER A 197 -5.32 10.24 16.00
N LEU A 198 -4.48 9.65 15.14
CA LEU A 198 -4.52 10.04 13.73
C LEU A 198 -5.83 9.66 13.08
N ALA A 199 -6.34 8.46 13.36
CA ALA A 199 -7.60 8.04 12.75
C ALA A 199 -8.77 8.90 13.21
N LYS A 200 -8.82 9.23 14.51
CA LYS A 200 -9.91 10.05 15.03
C LYS A 200 -9.85 11.47 14.49
N THR A 201 -8.65 12.09 14.52
CA THR A 201 -8.53 13.46 14.05
C THR A 201 -8.81 13.55 12.55
N THR A 202 -8.35 12.56 11.79
CA THR A 202 -8.67 12.52 10.36
C THR A 202 -10.16 12.41 10.13
N PHE A 203 -10.83 11.53 10.89
CA PHE A 203 -12.27 11.35 10.73
C PHE A 203 -13.02 12.64 11.07
N ASP A 204 -12.69 13.25 12.20
CA ASP A 204 -13.43 14.44 12.63
C ASP A 204 -13.25 15.61 11.67
N GLU A 205 -12.04 15.79 11.15
CA GLU A 205 -11.80 16.90 10.24
C GLU A 205 -12.46 16.67 8.89
N ALA A 206 -12.56 15.42 8.45
CA ALA A 206 -13.32 15.13 7.24
C ALA A 206 -14.81 15.36 7.46
N MET A 207 -15.33 14.91 8.61
CA MET A 207 -16.75 15.11 8.93
C MET A 207 -17.14 16.57 8.80
N ALA A 208 -16.31 17.49 9.29
CA ALA A 208 -16.64 18.91 9.27
C ALA A 208 -16.54 19.53 7.89
N ASP A 209 -15.96 18.84 6.91
CA ASP A 209 -15.80 19.35 5.56
C ASP A 209 -16.79 18.72 4.58
N LEU A 210 -17.58 17.74 5.02
CA LEU A 210 -18.48 17.05 4.11
C LEU A 210 -19.51 17.99 3.50
N HIS A 211 -19.90 19.05 4.21
CA HIS A 211 -20.95 19.94 3.74
C HIS A 211 -20.57 20.65 2.44
N THR A 212 -19.27 20.68 2.10
CA THR A 212 -18.82 21.34 0.88
C THR A 212 -18.95 20.47 -0.36
N LEU A 213 -19.31 19.21 -0.21
CA LEU A 213 -19.12 18.22 -1.27
C LEU A 213 -20.40 17.93 -2.05
N SER A 214 -20.22 17.55 -3.31
CA SER A 214 -21.28 16.99 -4.12
C SER A 214 -21.68 15.62 -3.58
N GLU A 215 -22.78 15.10 -4.11
CA GLU A 215 -23.24 13.77 -3.71
C GLU A 215 -22.19 12.71 -4.00
N ASP A 216 -21.53 12.79 -5.17
CA ASP A 216 -20.57 11.77 -5.56
C ASP A 216 -19.28 11.89 -4.73
N SER A 217 -18.81 13.12 -4.49
CA SER A 217 -17.64 13.30 -3.64
C SER A 217 -17.94 12.86 -2.21
N TYR A 218 -19.16 13.15 -1.74
CA TYR A 218 -19.59 12.71 -0.41
C TYR A 218 -19.50 11.19 -0.27
N LYS A 219 -19.94 10.45 -1.30
CA LYS A 219 -19.88 9.00 -1.25
C LYS A 219 -18.43 8.50 -1.16
N ASP A 220 -17.55 9.08 -1.99
CA ASP A 220 -16.13 8.72 -1.94
C ASP A 220 -15.56 8.93 -0.53
N SER A 221 -15.77 10.12 0.02
CA SER A 221 -15.14 10.46 1.30
C SER A 221 -15.73 9.65 2.45
N THR A 222 -17.05 9.51 2.50
CA THR A 222 -17.65 8.79 3.62
C THR A 222 -17.29 7.30 3.59
N LEU A 223 -17.05 6.74 2.40
CA LEU A 223 -16.63 5.35 2.33
C LEU A 223 -15.31 5.13 3.06
N ILE A 224 -14.35 6.03 2.87
CA ILE A 224 -13.07 5.87 3.56
C ILE A 224 -13.18 6.28 5.02
N MET A 225 -14.06 7.24 5.33
CA MET A 225 -14.29 7.58 6.73
C MET A 225 -14.81 6.38 7.50
N GLN A 226 -15.65 5.55 6.86
CA GLN A 226 -16.15 4.35 7.52
C GLN A 226 -15.02 3.38 7.83
N LEU A 227 -14.00 3.32 6.95
CA LEU A 227 -12.86 2.45 7.23
C LEU A 227 -12.07 2.96 8.44
N LEU A 228 -11.92 4.29 8.57
CA LEU A 228 -11.30 4.85 9.76
C LEU A 228 -12.09 4.47 11.01
N ARG A 229 -13.43 4.61 10.95
CA ARG A 229 -14.27 4.25 12.07
C ARG A 229 -14.16 2.76 12.40
N ASP A 230 -14.10 1.91 11.37
CA ASP A 230 -13.94 0.48 11.58
C ASP A 230 -12.68 0.17 12.37
N ASN A 231 -11.57 0.80 11.99
CA ASN A 231 -10.30 0.56 12.70
C ASN A 231 -10.38 1.07 14.13
N LEU A 232 -10.95 2.26 14.32
CA LEU A 232 -11.11 2.79 15.68
C LEU A 232 -11.93 1.85 16.55
N THR A 233 -12.98 1.24 15.98
CA THR A 233 -13.79 0.29 16.74
C THR A 233 -12.97 -0.96 17.06
N LEU A 234 -12.14 -1.40 16.11
CA LEU A 234 -11.28 -2.55 16.35
C LEU A 234 -10.27 -2.27 17.45
N TRP A 235 -9.83 -1.02 17.58
CA TRP A 235 -8.74 -0.66 18.48
C TRP A 235 -9.19 -0.09 19.81
N THR A 236 -10.48 0.13 20.01
CA THR A 236 -10.96 0.74 21.25
C THR A 236 -12.14 -0.04 21.85
N PHE B 4 -7.36 -8.33 10.63
CA PHE B 4 -6.45 -7.25 10.27
C PHE B 4 -7.22 -5.94 10.07
N PRO B 5 -6.55 -4.81 10.29
CA PRO B 5 -7.20 -3.51 10.08
C PRO B 5 -7.29 -3.16 8.60
N ALA B 6 -8.19 -2.23 8.30
CA ALA B 6 -8.43 -1.81 6.92
C ALA B 6 -7.35 -0.86 6.40
N VAL B 8 -6.18 0.92 2.30
CA VAL B 8 -6.58 1.07 0.90
C VAL B 8 -5.38 1.31 -0.01
#